data_2BVD
#
_entry.id   2BVD
#
_cell.length_a   49.272
_cell.length_b   63.012
_cell.length_c   78.182
_cell.angle_alpha   90.00
_cell.angle_beta   90.00
_cell.angle_gamma   90.00
#
_symmetry.space_group_name_H-M   'P 21 21 21'
#
loop_
_entity.id
_entity.type
_entity.pdbx_description
1 polymer 'ENDOGLUCANASE H'
2 non-polymer '(3R,4R,5R)-4-hydroxy-5-(hydroxymethyl)piperidin-3-yl beta-D-glucopyranoside'
3 water water
#
_entity_poly.entity_id   1
_entity_poly.type   'polypeptide(L)'
_entity_poly.pdbx_seq_one_letter_code
;MASNYNSGLKIGAWVGTQPSESAIKSFQELQGRKLDIVHQFINWSTDFSWVRPYADAVYNNGSILMITWEPWEYNTVDIK
NGKADAYITRMAQDMKAYGKEIWLRPLHEANGDWYPWAIGYSSRVNTNETYIAAFRHIVDIFRANGATNVKWVFNVNCDN
VGNGTSYLGHYPGDNYVDYTSIDGYNWGTTQSWGSQWQSFDQVFSRAYQALASINKPIIIAEFASAEIGGNKARWITEAY
NSIRTSYNKVIAAVWFHENKETDWRINSSPEALAAYREAIGAL
;
_entity_poly.pdbx_strand_id   A
#
# COMPACT_ATOMS: atom_id res chain seq x y z
N GLY A 8 -0.02 5.80 -18.27
CA GLY A 8 0.56 6.86 -17.38
C GLY A 8 0.47 6.53 -15.90
N LEU A 9 1.41 7.08 -15.13
CA LEU A 9 1.49 6.86 -13.69
C LEU A 9 0.19 7.26 -12.99
N LYS A 10 -0.43 6.30 -12.31
CA LYS A 10 -1.64 6.61 -11.54
C LYS A 10 -1.26 7.28 -10.23
N ILE A 11 -2.05 8.30 -9.86
CA ILE A 11 -1.82 9.08 -8.66
C ILE A 11 -2.87 8.70 -7.62
N GLY A 12 -2.38 8.27 -6.45
CA GLY A 12 -3.28 7.85 -5.37
C GLY A 12 -2.93 8.49 -4.04
N ALA A 13 -3.79 8.26 -3.06
CA ALA A 13 -3.50 8.68 -1.68
C ALA A 13 -4.37 7.94 -0.69
N TRP A 14 -3.82 7.66 0.49
CA TRP A 14 -4.60 7.57 1.73
C TRP A 14 -4.72 9.00 2.25
N VAL A 15 -5.93 9.51 2.35
CA VAL A 15 -6.12 10.96 2.58
C VAL A 15 -6.12 11.38 4.07
N GLY A 16 -5.73 10.45 4.95
CA GLY A 16 -5.56 10.74 6.38
C GLY A 16 -6.80 10.50 7.21
N THR A 17 -7.86 10.07 6.54
CA THR A 17 -9.12 9.71 7.18
C THR A 17 -9.82 8.76 6.24
N GLN A 18 -10.84 8.06 6.72
CA GLN A 18 -11.58 7.15 5.84
C GLN A 18 -12.17 7.96 4.68
N PRO A 19 -12.12 7.43 3.45
CA PRO A 19 -12.42 8.28 2.29
C PRO A 19 -13.91 8.46 2.00
N SER A 20 -14.56 9.29 2.81
CA SER A 20 -15.89 9.78 2.49
C SER A 20 -15.87 10.59 1.19
N GLU A 21 -17.04 10.85 0.62
CA GLU A 21 -17.14 11.70 -0.58
C GLU A 21 -16.37 13.02 -0.36
N SER A 22 -16.64 13.67 0.76
CA SER A 22 -16.04 14.98 1.02
C SER A 22 -14.53 14.90 1.24
N ALA A 23 -14.07 13.82 1.88
CA ALA A 23 -12.63 13.64 2.08
C ALA A 23 -11.88 13.44 0.75
N ILE A 24 -12.50 12.70 -0.17
CA ILE A 24 -11.93 12.53 -1.52
C ILE A 24 -11.90 13.85 -2.29
N LYS A 25 -13.05 14.53 -2.35
CA LYS A 25 -13.12 15.81 -3.06
CA LYS A 25 -13.12 15.81 -3.06
C LYS A 25 -12.17 16.84 -2.47
N SER A 26 -12.07 16.89 -1.13
CA SER A 26 -11.18 17.84 -0.47
CA SER A 26 -11.18 17.83 -0.47
C SER A 26 -9.72 17.57 -0.85
N PHE A 27 -9.34 16.30 -0.90
CA PHE A 27 -7.95 15.98 -1.29
C PHE A 27 -7.68 16.35 -2.73
N GLN A 28 -8.69 16.18 -3.59
CA GLN A 28 -8.55 16.56 -4.99
C GLN A 28 -8.35 18.06 -5.15
N GLU A 29 -9.08 18.84 -4.36
CA GLU A 29 -8.85 20.29 -4.31
C GLU A 29 -7.46 20.62 -3.78
N LEU A 30 -7.03 19.87 -2.78
CA LEU A 30 -5.73 20.09 -2.18
C LEU A 30 -4.60 19.85 -3.19
N GLN A 31 -4.62 18.69 -3.83
CA GLN A 31 -3.53 18.37 -4.79
C GLN A 31 -3.73 18.95 -6.19
N GLY A 32 -4.89 19.56 -6.43
CA GLY A 32 -5.21 20.17 -7.72
C GLY A 32 -5.33 19.18 -8.87
N ARG A 33 -5.75 17.96 -8.56
CA ARG A 33 -5.85 16.90 -9.56
C ARG A 33 -6.74 15.77 -9.09
N LYS A 34 -7.38 15.11 -10.06
CA LYS A 34 -8.11 13.84 -9.84
C LYS A 34 -7.24 12.84 -9.09
N LEU A 35 -7.82 12.14 -8.10
CA LEU A 35 -7.21 10.94 -7.54
C LEU A 35 -7.58 9.75 -8.39
N ASP A 36 -6.58 9.06 -8.93
CA ASP A 36 -6.87 7.86 -9.70
C ASP A 36 -7.15 6.67 -8.77
N ILE A 37 -6.49 6.66 -7.61
CA ILE A 37 -6.61 5.58 -6.64
C ILE A 37 -6.88 6.20 -5.28
N VAL A 38 -7.88 5.67 -4.56
CA VAL A 38 -8.16 6.11 -3.20
C VAL A 38 -7.85 4.93 -2.29
N HIS A 39 -7.05 5.17 -1.27
CA HIS A 39 -6.56 4.10 -0.38
C HIS A 39 -7.21 4.15 0.99
N GLN A 40 -7.64 2.99 1.48
CA GLN A 40 -8.22 2.92 2.81
C GLN A 40 -7.71 1.69 3.56
N PHE A 41 -7.56 1.83 4.88
CA PHE A 41 -7.18 0.70 5.73
C PHE A 41 -8.39 0.20 6.49
N ILE A 42 -8.54 -1.11 6.54
CA ILE A 42 -9.56 -1.73 7.39
C ILE A 42 -8.96 -2.95 8.09
N ASN A 43 -9.64 -3.40 9.14
CA ASN A 43 -9.20 -4.59 9.85
C ASN A 43 -10.03 -5.82 9.47
N TRP A 44 -9.83 -6.92 10.20
CA TRP A 44 -10.51 -8.18 9.91
C TRP A 44 -11.70 -8.45 10.84
N SER A 45 -12.24 -7.38 11.40
CA SER A 45 -13.55 -7.43 12.05
C SER A 45 -14.49 -6.41 11.43
N THR A 46 -14.18 -6.02 10.19
CA THR A 46 -14.98 -5.06 9.44
C THR A 46 -15.66 -5.79 8.29
N ASP A 47 -16.98 -5.70 8.23
CA ASP A 47 -17.79 -6.30 7.18
C ASP A 47 -17.77 -5.40 5.95
N PHE A 48 -18.08 -5.94 4.78
CA PHE A 48 -18.15 -5.09 3.60
C PHE A 48 -19.26 -4.04 3.70
N SER A 49 -20.29 -4.31 4.51
CA SER A 49 -21.38 -3.34 4.66
C SER A 49 -20.88 -2.01 5.21
N TRP A 50 -19.81 -2.06 6.01
CA TRP A 50 -19.17 -0.87 6.55
C TRP A 50 -18.36 -0.15 5.47
N VAL A 51 -17.73 -0.94 4.61
CA VAL A 51 -16.91 -0.42 3.51
C VAL A 51 -17.77 0.22 2.41
N ARG A 52 -18.93 -0.36 2.16
CA ARG A 52 -19.74 -0.01 0.98
C ARG A 52 -19.85 1.49 0.73
N PRO A 53 -20.27 2.28 1.74
CA PRO A 53 -20.50 3.71 1.45
C PRO A 53 -19.22 4.44 1.03
N TYR A 54 -18.08 3.98 1.56
CA TYR A 54 -16.80 4.50 1.11
C TYR A 54 -16.53 4.06 -0.33
N ALA A 55 -16.69 2.76 -0.58
CA ALA A 55 -16.53 2.24 -1.94
C ALA A 55 -17.38 3.03 -2.93
N ASP A 56 -18.64 3.27 -2.57
CA ASP A 56 -19.56 4.02 -3.45
C ASP A 56 -18.99 5.41 -3.77
N ALA A 57 -18.51 6.12 -2.75
CA ALA A 57 -17.90 7.43 -2.96
C ALA A 57 -16.71 7.37 -3.92
N VAL A 58 -15.88 6.34 -3.75
CA VAL A 58 -14.68 6.18 -4.57
C VAL A 58 -15.04 5.92 -6.03
N TYR A 59 -15.97 5.00 -6.26
CA TYR A 59 -16.38 4.65 -7.64
C TYR A 59 -17.22 5.73 -8.29
N ASN A 60 -18.06 6.42 -7.51
CA ASN A 60 -18.81 7.58 -8.04
C ASN A 60 -17.87 8.68 -8.52
N ASN A 61 -16.72 8.79 -7.88
CA ASN A 61 -15.67 9.75 -8.27
C ASN A 61 -14.87 9.34 -9.51
N GLY A 62 -15.03 8.09 -9.95
CA GLY A 62 -14.24 7.55 -11.06
C GLY A 62 -12.85 7.10 -10.65
N SER A 63 -12.70 6.67 -9.40
CA SER A 63 -11.41 6.20 -8.90
C SER A 63 -11.43 4.69 -8.64
N ILE A 64 -10.24 4.12 -8.46
CA ILE A 64 -10.10 2.73 -8.01
C ILE A 64 -9.90 2.73 -6.50
N LEU A 65 -10.59 1.83 -5.80
CA LEU A 65 -10.39 1.66 -4.36
C LEU A 65 -9.30 0.61 -4.10
N MET A 66 -8.27 1.01 -3.34
CA MET A 66 -7.29 0.06 -2.81
C MET A 66 -7.54 -0.07 -1.31
N ILE A 67 -7.81 -1.29 -0.87
CA ILE A 67 -8.03 -1.55 0.56
C ILE A 67 -6.84 -2.34 1.11
N THR A 68 -6.20 -1.76 2.12
CA THR A 68 -5.23 -2.50 2.93
C THR A 68 -6.00 -3.18 4.04
N TRP A 69 -5.98 -4.51 4.00
CA TRP A 69 -6.85 -5.36 4.81
C TRP A 69 -6.01 -6.04 5.89
N GLU A 70 -6.10 -5.46 7.09
CA GLU A 70 -5.15 -5.72 8.19
C GLU A 70 -5.69 -6.72 9.20
N PRO A 71 -5.15 -7.95 9.22
CA PRO A 71 -5.70 -8.95 10.13
C PRO A 71 -5.15 -8.84 11.56
N TRP A 72 -5.45 -7.75 12.26
CA TRP A 72 -5.08 -7.65 13.68
C TRP A 72 -5.70 -8.81 14.45
N GLU A 73 -6.83 -9.29 13.96
CA GLU A 73 -7.65 -10.27 14.67
C GLU A 73 -7.26 -11.72 14.36
N TYR A 74 -6.40 -11.91 13.36
CA TYR A 74 -5.95 -13.26 13.00
C TYR A 74 -4.51 -13.19 12.52
N ASN A 75 -3.68 -14.11 12.99
CA ASN A 75 -2.32 -14.24 12.46
C ASN A 75 -2.26 -15.31 11.39
N THR A 76 -1.09 -15.51 10.80
CA THR A 76 -0.99 -16.35 9.60
C THR A 76 -1.32 -17.81 9.87
N VAL A 77 -1.07 -18.26 11.11
CA VAL A 77 -1.44 -19.62 11.53
C VAL A 77 -2.96 -19.76 11.61
N ASP A 78 -3.61 -18.82 12.28
CA ASP A 78 -5.07 -18.76 12.33
C ASP A 78 -5.64 -18.79 10.89
N ILE A 79 -5.12 -17.93 10.03
CA ILE A 79 -5.65 -17.82 8.67
C ILE A 79 -5.40 -19.09 7.85
N LYS A 80 -4.17 -19.59 7.86
CA LYS A 80 -3.86 -20.77 7.02
C LYS A 80 -4.67 -21.98 7.47
N ASN A 81 -5.00 -22.03 8.76
CA ASN A 81 -5.74 -23.17 9.29
C ASN A 81 -7.25 -23.07 9.12
N GLY A 82 -7.71 -21.94 8.58
CA GLY A 82 -9.13 -21.76 8.28
C GLY A 82 -9.99 -21.13 9.35
N LYS A 83 -9.35 -20.62 10.41
CA LYS A 83 -10.07 -20.06 11.55
C LYS A 83 -10.80 -18.76 11.24
N ALA A 84 -10.41 -18.10 10.15
CA ALA A 84 -11.04 -16.84 9.73
C ALA A 84 -11.95 -17.06 8.53
N ASP A 85 -12.14 -18.32 8.15
CA ASP A 85 -12.80 -18.58 6.87
C ASP A 85 -14.22 -18.04 6.74
N ALA A 86 -14.97 -18.05 7.83
CA ALA A 86 -16.34 -17.50 7.77
C ALA A 86 -16.32 -16.02 7.39
N TYR A 87 -15.38 -15.29 7.95
CA TYR A 87 -15.23 -13.86 7.69
C TYR A 87 -14.70 -13.60 6.28
N ILE A 88 -13.68 -14.37 5.88
CA ILE A 88 -13.14 -14.24 4.52
C ILE A 88 -14.22 -14.51 3.47
N THR A 89 -14.96 -15.61 3.65
CA THR A 89 -16.00 -16.01 2.72
C THR A 89 -17.08 -14.92 2.55
N ARG A 90 -17.53 -14.33 3.66
CA ARG A 90 -18.51 -13.25 3.60
CA ARG A 90 -18.52 -13.26 3.59
C ARG A 90 -17.96 -12.07 2.80
N MET A 91 -16.70 -11.72 3.06
CA MET A 91 -16.07 -10.61 2.33
C MET A 91 -16.01 -10.89 0.83
N ALA A 92 -15.65 -12.12 0.47
CA ALA A 92 -15.53 -12.52 -0.93
C ALA A 92 -16.90 -12.44 -1.60
N GLN A 93 -17.93 -12.96 -0.93
CA GLN A 93 -19.27 -12.94 -1.50
C GLN A 93 -19.75 -11.51 -1.70
N ASP A 94 -19.50 -10.67 -0.70
CA ASP A 94 -19.98 -9.30 -0.74
C ASP A 94 -19.24 -8.49 -1.78
N MET A 95 -17.94 -8.73 -1.91
CA MET A 95 -17.16 -8.04 -2.94
C MET A 95 -17.54 -8.49 -4.34
N LYS A 96 -17.84 -9.79 -4.50
CA LYS A 96 -18.29 -10.28 -5.79
CA LYS A 96 -18.31 -10.30 -5.79
C LYS A 96 -19.61 -9.60 -6.18
N ALA A 97 -20.54 -9.56 -5.22
CA ALA A 97 -21.85 -8.94 -5.44
C ALA A 97 -21.69 -7.47 -5.79
N TYR A 98 -20.73 -6.79 -5.13
CA TYR A 98 -20.47 -5.39 -5.42
C TYR A 98 -20.00 -5.22 -6.88
N GLY A 99 -19.10 -6.09 -7.31
CA GLY A 99 -18.79 -6.25 -8.72
C GLY A 99 -17.70 -5.38 -9.31
N LYS A 100 -17.40 -4.25 -8.66
CA LYS A 100 -16.44 -3.28 -9.18
C LYS A 100 -14.99 -3.72 -8.90
N GLU A 101 -14.05 -3.19 -9.69
CA GLU A 101 -12.62 -3.52 -9.56
CA GLU A 101 -12.65 -3.57 -9.53
C GLU A 101 -12.06 -2.94 -8.27
N ILE A 102 -11.66 -3.82 -7.36
CA ILE A 102 -11.10 -3.44 -6.06
C ILE A 102 -9.70 -4.01 -5.96
N TRP A 103 -8.74 -3.19 -5.56
CA TRP A 103 -7.38 -3.65 -5.34
C TRP A 103 -7.26 -3.97 -3.85
N LEU A 104 -6.92 -5.21 -3.53
CA LEU A 104 -6.91 -5.65 -2.12
C LEU A 104 -5.49 -6.03 -1.70
N ARG A 105 -5.03 -5.43 -0.61
CA ARG A 105 -3.66 -5.62 -0.13
C ARG A 105 -3.67 -6.21 1.29
N PRO A 106 -3.87 -7.52 1.38
CA PRO A 106 -3.91 -8.19 2.68
C PRO A 106 -2.52 -8.41 3.27
N LEU A 107 -2.43 -8.43 4.60
CA LEU A 107 -1.27 -8.99 5.30
CA LEU A 107 -1.28 -8.97 5.31
C LEU A 107 0.08 -8.28 5.13
N HIS A 108 0.05 -6.97 4.91
CA HIS A 108 1.14 -6.28 4.19
C HIS A 108 2.40 -6.12 5.04
N GLU A 109 3.36 -5.38 4.52
CA GLU A 109 4.62 -5.11 5.23
C GLU A 109 5.06 -6.30 6.07
N ALA A 110 4.92 -7.50 5.52
CA ALA A 110 5.21 -8.71 6.30
C ALA A 110 6.71 -8.97 6.45
N ASN A 111 7.53 -8.23 5.70
CA ASN A 111 8.99 -8.25 5.93
C ASN A 111 9.44 -7.22 6.96
N GLY A 112 8.48 -6.64 7.69
CA GLY A 112 8.75 -5.83 8.86
C GLY A 112 8.55 -6.62 10.13
N ASP A 113 8.61 -5.94 11.28
CA ASP A 113 8.43 -6.62 12.57
C ASP A 113 7.30 -6.04 13.42
N TRP A 114 6.51 -5.15 12.83
CA TRP A 114 5.53 -4.39 13.61
C TRP A 114 4.11 -4.92 13.57
N TYR A 115 3.80 -5.76 12.58
CA TYR A 115 2.47 -6.31 12.51
C TYR A 115 2.41 -7.76 13.01
N PRO A 116 1.30 -8.14 13.66
CA PRO A 116 1.21 -9.48 14.26
C PRO A 116 1.13 -10.64 13.26
N TRP A 117 1.05 -10.31 11.97
CA TRP A 117 1.09 -11.29 10.88
C TRP A 117 2.43 -11.27 10.15
N ALA A 118 3.34 -10.40 10.59
CA ALA A 118 4.61 -10.22 9.87
C ALA A 118 5.62 -11.30 10.24
N ILE A 119 6.50 -11.65 9.29
CA ILE A 119 7.52 -12.65 9.55
CA ILE A 119 7.56 -12.63 9.52
C ILE A 119 8.49 -12.18 10.64
N GLY A 120 8.78 -10.87 10.68
CA GLY A 120 9.67 -10.34 11.71
C GLY A 120 9.04 -10.14 13.08
N TYR A 121 7.73 -10.33 13.20
CA TYR A 121 7.04 -10.15 14.47
C TYR A 121 7.65 -11.03 15.57
N SER A 122 7.86 -10.43 16.75
CA SER A 122 8.71 -11.00 17.79
C SER A 122 8.22 -12.32 18.40
N SER A 123 6.95 -12.66 18.22
CA SER A 123 6.45 -13.95 18.70
C SER A 123 6.96 -15.15 17.89
N ARG A 124 7.45 -14.87 16.68
CA ARG A 124 8.03 -15.87 15.76
C ARG A 124 7.00 -16.80 15.12
N VAL A 125 5.72 -16.51 15.36
CA VAL A 125 4.62 -17.38 14.90
C VAL A 125 4.45 -17.40 13.38
N ASN A 126 4.82 -16.31 12.72
CA ASN A 126 4.65 -16.20 11.28
C ASN A 126 5.93 -16.57 10.55
N THR A 127 5.82 -17.57 9.69
CA THR A 127 6.94 -18.01 8.84
C THR A 127 6.60 -17.81 7.37
N ASN A 128 7.59 -17.98 6.50
CA ASN A 128 7.31 -17.91 5.05
C ASN A 128 6.18 -18.88 4.73
N GLU A 129 6.26 -20.08 5.29
CA GLU A 129 5.28 -21.11 4.98
C GLU A 129 3.87 -20.77 5.45
N THR A 130 3.74 -20.29 6.69
CA THR A 130 2.42 -19.97 7.18
C THR A 130 1.86 -18.74 6.42
N TYR A 131 2.74 -17.80 6.10
CA TYR A 131 2.33 -16.61 5.37
C TYR A 131 1.82 -16.96 3.96
N ILE A 132 2.59 -17.76 3.24
CA ILE A 132 2.21 -18.12 1.87
C ILE A 132 0.93 -18.92 1.89
N ALA A 133 0.83 -19.86 2.83
CA ALA A 133 -0.38 -20.66 2.95
C ALA A 133 -1.60 -19.79 3.27
N ALA A 134 -1.42 -18.80 4.14
CA ALA A 134 -2.49 -17.88 4.50
C ALA A 134 -2.93 -17.06 3.29
N PHE A 135 -1.97 -16.46 2.60
CA PHE A 135 -2.25 -15.60 1.44
C PHE A 135 -3.00 -16.41 0.38
N ARG A 136 -2.45 -17.59 0.04
CA ARG A 136 -3.09 -18.43 -0.98
C ARG A 136 -4.50 -18.84 -0.56
N HIS A 137 -4.69 -19.08 0.73
CA HIS A 137 -6.00 -19.52 1.23
C HIS A 137 -7.05 -18.42 1.02
N ILE A 138 -6.66 -17.18 1.31
CA ILE A 138 -7.55 -16.05 1.09
C ILE A 138 -7.94 -15.97 -0.39
N VAL A 139 -6.94 -16.02 -1.27
CA VAL A 139 -7.19 -15.91 -2.70
C VAL A 139 -8.08 -17.05 -3.19
N ASP A 140 -7.79 -18.27 -2.72
CA ASP A 140 -8.60 -19.43 -3.09
C ASP A 140 -10.08 -19.21 -2.75
N ILE A 141 -10.34 -18.71 -1.55
CA ILE A 141 -11.73 -18.46 -1.13
C ILE A 141 -12.40 -17.41 -2.04
N PHE A 142 -11.69 -16.32 -2.33
CA PHE A 142 -12.24 -15.29 -3.21
C PHE A 142 -12.57 -15.86 -4.59
N ARG A 143 -11.65 -16.64 -5.13
CA ARG A 143 -11.88 -17.26 -6.43
C ARG A 143 -13.03 -18.26 -6.43
N ALA A 144 -13.16 -19.05 -5.36
CA ALA A 144 -14.27 -20.01 -5.23
C ALA A 144 -15.61 -19.29 -5.20
N ASN A 145 -15.60 -18.02 -4.78
CA ASN A 145 -16.83 -17.21 -4.69
C ASN A 145 -17.00 -16.24 -5.86
N GLY A 146 -16.19 -16.43 -6.90
CA GLY A 146 -16.34 -15.69 -8.14
C GLY A 146 -15.87 -14.25 -8.12
N ALA A 147 -15.11 -13.88 -7.08
CA ALA A 147 -14.69 -12.48 -6.91
C ALA A 147 -13.47 -12.14 -7.79
N THR A 148 -13.67 -12.30 -9.10
CA THR A 148 -12.63 -12.07 -10.09
C THR A 148 -12.34 -10.56 -10.24
N ASN A 149 -13.23 -9.75 -9.68
CA ASN A 149 -13.08 -8.29 -9.69
C ASN A 149 -12.05 -7.80 -8.69
N VAL A 150 -11.67 -8.66 -7.76
CA VAL A 150 -10.69 -8.29 -6.73
C VAL A 150 -9.29 -8.60 -7.24
N LYS A 151 -8.43 -7.59 -7.27
CA LYS A 151 -7.04 -7.72 -7.73
C LYS A 151 -6.13 -7.79 -6.52
N TRP A 152 -5.16 -8.71 -6.53
CA TRP A 152 -4.35 -9.00 -5.34
C TRP A 152 -3.04 -8.28 -5.35
N VAL A 153 -2.77 -7.55 -4.27
CA VAL A 153 -1.55 -6.75 -4.16
C VAL A 153 -0.62 -7.34 -3.11
N PHE A 154 0.53 -7.84 -3.56
CA PHE A 154 1.59 -8.31 -2.68
C PHE A 154 2.39 -7.09 -2.26
N ASN A 155 2.95 -7.12 -1.06
CA ASN A 155 3.63 -5.94 -0.53
C ASN A 155 4.92 -6.26 0.22
N VAL A 156 5.90 -5.37 0.07
CA VAL A 156 7.08 -5.37 0.95
C VAL A 156 7.30 -3.97 1.50
N ASN A 157 7.78 -3.90 2.74
CA ASN A 157 8.40 -2.69 3.25
C ASN A 157 9.72 -2.47 2.53
N CYS A 158 10.14 -1.21 2.41
CA CYS A 158 11.40 -0.89 1.72
C CYS A 158 12.60 -1.58 2.35
N ASP A 159 12.57 -1.79 3.67
CA ASP A 159 13.65 -2.43 4.42
C ASP A 159 13.13 -3.71 5.05
N ASN A 160 13.97 -4.75 5.08
CA ASN A 160 13.68 -5.94 5.89
C ASN A 160 14.01 -5.60 7.34
N VAL A 161 13.01 -5.69 8.22
CA VAL A 161 13.20 -5.32 9.60
C VAL A 161 12.73 -6.47 10.47
N GLY A 162 13.65 -7.00 11.27
CA GLY A 162 13.33 -8.12 12.13
C GLY A 162 13.94 -9.41 11.64
N ASN A 163 14.00 -10.40 12.54
CA ASN A 163 14.63 -11.65 12.17
CA ASN A 163 14.60 -11.70 12.22
C ASN A 163 13.81 -12.43 11.14
N GLY A 164 14.52 -13.00 10.18
CA GLY A 164 13.92 -13.89 9.19
C GLY A 164 13.22 -13.21 8.02
N THR A 165 13.33 -11.90 7.94
CA THR A 165 12.63 -11.15 6.92
C THR A 165 13.40 -11.08 5.62
N SER A 166 12.65 -11.02 4.52
CA SER A 166 13.22 -10.95 3.17
C SER A 166 12.17 -10.37 2.22
N TYR A 167 12.61 -9.92 1.05
CA TYR A 167 11.65 -9.34 0.12
C TYR A 167 10.74 -10.38 -0.49
N LEU A 168 11.26 -11.59 -0.74
CA LEU A 168 10.50 -12.58 -1.50
C LEU A 168 10.32 -13.94 -0.85
N GLY A 169 10.82 -14.12 0.37
CA GLY A 169 10.67 -15.40 1.06
C GLY A 169 9.21 -15.75 1.29
N HIS A 170 8.40 -14.72 1.47
CA HIS A 170 6.97 -14.87 1.74
C HIS A 170 6.12 -14.62 0.48
N TYR A 171 6.76 -14.56 -0.69
CA TYR A 171 6.03 -14.30 -1.92
C TYR A 171 5.15 -15.50 -2.29
N PRO A 172 3.85 -15.29 -2.46
CA PRO A 172 2.94 -16.43 -2.67
C PRO A 172 2.84 -16.96 -4.10
N GLY A 173 3.53 -16.33 -5.05
CA GLY A 173 3.55 -16.82 -6.43
C GLY A 173 2.74 -15.97 -7.39
N ASP A 174 3.19 -15.92 -8.64
CA ASP A 174 2.52 -15.11 -9.67
C ASP A 174 1.06 -15.51 -9.86
N ASN A 175 0.76 -16.79 -9.60
CA ASN A 175 -0.61 -17.30 -9.74
CA ASN A 175 -0.61 -17.31 -9.74
C ASN A 175 -1.56 -16.71 -8.70
N TYR A 176 -1.02 -16.03 -7.70
CA TYR A 176 -1.83 -15.47 -6.61
C TYR A 176 -1.75 -13.95 -6.48
N VAL A 177 -1.06 -13.31 -7.43
CA VAL A 177 -0.70 -11.89 -7.32
C VAL A 177 -0.98 -11.16 -8.62
N ASP A 178 -1.64 -10.00 -8.54
CA ASP A 178 -1.83 -9.15 -9.70
C ASP A 178 -0.83 -8.00 -9.76
N TYR A 179 -0.48 -7.46 -8.59
CA TYR A 179 0.48 -6.37 -8.48
C TYR A 179 1.40 -6.65 -7.31
N THR A 180 2.67 -6.27 -7.44
CA THR A 180 3.54 -6.20 -6.25
C THR A 180 3.58 -4.75 -5.83
N SER A 181 4.14 -4.47 -4.65
CA SER A 181 4.13 -3.10 -4.14
C SER A 181 5.19 -2.90 -3.09
N ILE A 182 5.56 -1.63 -2.90
CA ILE A 182 6.57 -1.27 -1.92
C ILE A 182 6.03 -0.09 -1.10
N ASP A 183 6.33 -0.11 0.20
CA ASP A 183 6.06 1.02 1.09
C ASP A 183 7.40 1.58 1.58
N GLY A 184 7.47 2.88 1.75
CA GLY A 184 8.70 3.48 2.22
C GLY A 184 8.58 4.96 2.51
N TYR A 185 9.30 5.39 3.53
CA TYR A 185 9.19 6.73 4.06
C TYR A 185 10.57 7.35 4.26
N ASN A 186 10.68 8.63 3.90
CA ASN A 186 11.84 9.40 4.31
C ASN A 186 11.53 10.02 5.66
N TRP A 187 12.11 9.45 6.71
CA TRP A 187 11.86 9.90 8.08
C TRP A 187 12.59 11.19 8.43
N GLY A 188 13.51 11.63 7.56
CA GLY A 188 14.39 12.74 7.92
C GLY A 188 15.06 12.47 9.26
N THR A 189 15.27 13.51 10.05
CA THR A 189 15.95 13.37 11.35
C THR A 189 14.95 13.36 12.49
N THR A 190 13.71 12.98 12.20
CA THR A 190 12.60 13.15 13.15
C THR A 190 12.57 12.13 14.29
N GLN A 191 13.21 10.99 14.10
CA GLN A 191 13.10 9.90 15.08
C GLN A 191 14.34 9.81 15.98
N SER A 192 14.09 9.75 17.28
CA SER A 192 15.14 9.79 18.30
C SER A 192 16.11 8.59 18.28
N TRP A 193 15.68 7.47 17.69
CA TRP A 193 16.59 6.33 17.53
C TRP A 193 17.77 6.64 16.60
N GLY A 194 17.58 7.62 15.70
CA GLY A 194 18.64 8.05 14.80
C GLY A 194 18.27 7.93 13.33
N SER A 195 17.05 8.33 12.97
CA SER A 195 16.66 8.33 11.57
C SER A 195 17.45 9.39 10.82
N GLN A 196 17.63 9.18 9.52
CA GLN A 196 18.34 10.14 8.69
C GLN A 196 17.52 10.44 7.45
N TRP A 197 17.77 11.62 6.89
CA TRP A 197 17.24 11.98 5.58
C TRP A 197 17.70 10.97 4.52
N GLN A 198 16.72 10.51 3.75
CA GLN A 198 16.97 9.59 2.64
CA GLN A 198 16.95 9.58 2.64
C GLN A 198 16.18 10.09 1.44
N SER A 199 16.85 10.13 0.27
CA SER A 199 16.17 10.46 -0.98
C SER A 199 15.25 9.30 -1.34
N PHE A 200 14.35 9.53 -2.28
CA PHE A 200 13.47 8.46 -2.76
C PHE A 200 14.27 7.22 -3.17
N ASP A 201 15.33 7.42 -3.95
CA ASP A 201 16.21 6.31 -4.36
C ASP A 201 16.81 5.57 -3.18
N GLN A 202 17.30 6.32 -2.20
CA GLN A 202 17.89 5.69 -1.04
C GLN A 202 16.87 4.83 -0.31
N VAL A 203 15.62 5.29 -0.28
CA VAL A 203 14.55 4.52 0.37
C VAL A 203 14.23 3.24 -0.42
N PHE A 204 14.02 3.40 -1.73
CA PHE A 204 13.23 2.44 -2.49
C PHE A 204 14.07 1.52 -3.39
N SER A 205 15.30 1.90 -3.69
CA SER A 205 16.09 1.19 -4.70
CA SER A 205 16.09 1.18 -4.69
C SER A 205 16.34 -0.31 -4.50
N ARG A 206 16.55 -0.71 -3.24
CA ARG A 206 16.82 -2.11 -2.91
C ARG A 206 15.59 -2.99 -3.11
N ALA A 207 14.46 -2.54 -2.57
CA ALA A 207 13.22 -3.27 -2.72
C ALA A 207 12.82 -3.38 -4.19
N TYR A 208 13.01 -2.29 -4.93
CA TYR A 208 12.67 -2.29 -6.35
C TYR A 208 13.50 -3.30 -7.12
N GLN A 209 14.79 -3.36 -6.82
CA GLN A 209 15.66 -4.34 -7.46
C GLN A 209 15.14 -5.76 -7.26
N ALA A 210 14.63 -6.08 -6.07
CA ALA A 210 14.09 -7.41 -5.80
C ALA A 210 12.80 -7.64 -6.59
N LEU A 211 11.87 -6.69 -6.51
CA LEU A 211 10.57 -6.84 -7.17
C LEU A 211 10.66 -6.76 -8.69
N ALA A 212 11.70 -6.11 -9.19
CA ALA A 212 11.88 -5.95 -10.64
C ALA A 212 12.15 -7.30 -11.30
N SER A 213 12.55 -8.28 -10.48
CA SER A 213 12.84 -9.65 -10.94
CA SER A 213 12.83 -9.63 -11.00
C SER A 213 11.56 -10.47 -11.10
N ILE A 214 10.42 -9.85 -10.78
CA ILE A 214 9.10 -10.48 -10.86
CA ILE A 214 9.12 -10.51 -10.88
C ILE A 214 8.32 -9.86 -12.01
N ASN A 215 7.69 -10.69 -12.84
CA ASN A 215 6.95 -10.17 -13.99
C ASN A 215 5.53 -9.72 -13.62
N LYS A 216 5.47 -8.76 -12.70
CA LYS A 216 4.22 -8.12 -12.28
C LYS A 216 4.45 -6.62 -12.19
N PRO A 217 3.41 -5.82 -12.46
CA PRO A 217 3.55 -4.37 -12.27
C PRO A 217 3.64 -4.01 -10.79
N ILE A 218 4.24 -2.86 -10.51
CA ILE A 218 4.56 -2.47 -9.13
C ILE A 218 3.81 -1.21 -8.75
N ILE A 219 3.27 -1.18 -7.54
CA ILE A 219 2.69 0.04 -6.97
C ILE A 219 3.56 0.54 -5.82
N ILE A 220 3.79 1.85 -5.75
CA ILE A 220 4.27 2.44 -4.51
C ILE A 220 3.03 2.69 -3.65
N ALA A 221 2.73 1.76 -2.75
CA ALA A 221 1.44 1.73 -2.07
C ALA A 221 1.36 2.70 -0.89
N GLU A 222 2.50 3.00 -0.29
CA GLU A 222 2.61 4.04 0.73
C GLU A 222 3.95 4.70 0.58
N PHE A 223 3.95 6.02 0.44
CA PHE A 223 5.20 6.77 0.56
C PHE A 223 4.92 8.19 1.01
N ALA A 224 5.93 8.78 1.65
CA ALA A 224 5.86 10.17 2.06
C ALA A 224 7.23 10.58 2.58
N SER A 225 7.36 11.88 2.87
CA SER A 225 8.59 12.47 3.39
C SER A 225 8.31 13.39 4.56
N ALA A 226 9.20 13.34 5.54
CA ALA A 226 9.27 14.35 6.61
C ALA A 226 9.69 15.70 6.04
N GLU A 227 9.53 16.74 6.86
CA GLU A 227 10.04 18.09 6.55
C GLU A 227 11.44 18.32 7.12
N ILE A 228 11.81 17.56 8.15
CA ILE A 228 12.97 17.90 8.98
C ILE A 228 14.21 17.12 8.58
N GLY A 229 15.29 17.85 8.31
CA GLY A 229 16.58 17.26 7.96
C GLY A 229 16.95 17.39 6.50
N GLY A 230 16.14 18.13 5.75
CA GLY A 230 16.31 18.32 4.32
C GLY A 230 15.17 19.13 3.75
N ASN A 231 15.13 19.20 2.42
CA ASN A 231 14.15 19.98 1.68
C ASN A 231 13.06 19.06 1.12
N LYS A 232 11.89 19.06 1.76
CA LYS A 232 10.79 18.16 1.36
C LYS A 232 10.23 18.49 -0.03
N ALA A 233 10.15 19.79 -0.36
CA ALA A 233 9.66 20.21 -1.68
C ALA A 233 10.52 19.58 -2.77
N ARG A 234 11.84 19.70 -2.62
CA ARG A 234 12.77 19.12 -3.60
CA ARG A 234 12.80 19.13 -3.57
C ARG A 234 12.70 17.61 -3.59
N TRP A 235 12.52 17.03 -2.40
CA TRP A 235 12.37 15.58 -2.28
C TRP A 235 11.19 15.10 -3.14
N ILE A 236 10.07 15.81 -3.05
CA ILE A 236 8.87 15.46 -3.80
C ILE A 236 9.11 15.56 -5.31
N THR A 237 9.69 16.67 -5.73
CA THR A 237 9.98 16.87 -7.15
C THR A 237 10.87 15.73 -7.65
N GLU A 238 11.92 15.45 -6.89
CA GLU A 238 12.87 14.41 -7.29
CA GLU A 238 12.88 14.41 -7.25
C GLU A 238 12.27 13.01 -7.23
N ALA A 239 11.39 12.75 -6.26
CA ALA A 239 10.74 11.44 -6.12
C ALA A 239 9.91 11.10 -7.36
N TYR A 240 9.05 12.02 -7.77
CA TYR A 240 8.22 11.75 -8.94
C TYR A 240 9.08 11.66 -10.21
N ASN A 241 10.11 12.49 -10.30
CA ASN A 241 11.04 12.37 -11.42
C ASN A 241 11.69 10.99 -11.43
N SER A 242 12.16 10.53 -10.27
CA SER A 242 12.77 9.22 -10.15
C SER A 242 11.82 8.11 -10.57
N ILE A 243 10.57 8.20 -10.12
CA ILE A 243 9.59 7.16 -10.43
C ILE A 243 9.43 7.03 -11.94
N ARG A 244 9.28 8.17 -12.61
CA ARG A 244 9.03 8.19 -14.04
CA ARG A 244 9.02 8.17 -14.04
C ARG A 244 10.26 7.84 -14.88
N THR A 245 11.43 8.16 -14.34
CA THR A 245 12.69 7.99 -15.08
CA THR A 245 12.69 7.99 -15.08
C THR A 245 13.34 6.61 -14.91
N SER A 246 13.40 6.10 -13.69
CA SER A 246 14.17 4.90 -13.38
CA SER A 246 14.15 4.87 -13.44
C SER A 246 13.39 3.76 -12.72
N TYR A 247 12.14 4.00 -12.35
CA TYR A 247 11.34 2.95 -11.70
C TYR A 247 10.24 2.54 -12.67
N ASN A 248 10.65 2.06 -13.83
CA ASN A 248 9.73 1.99 -14.95
C ASN A 248 8.63 0.93 -14.83
N LYS A 249 8.82 -0.02 -13.91
CA LYS A 249 7.77 -1.00 -13.65
C LYS A 249 6.67 -0.47 -12.74
N VAL A 250 6.92 0.68 -12.11
CA VAL A 250 5.93 1.30 -11.22
C VAL A 250 4.81 1.93 -12.03
N ILE A 251 3.57 1.56 -11.72
CA ILE A 251 2.40 2.03 -12.46
C ILE A 251 1.49 2.96 -11.64
N ALA A 252 1.78 3.06 -10.35
CA ALA A 252 0.98 3.89 -9.46
C ALA A 252 1.83 4.38 -8.31
N ALA A 253 1.57 5.62 -7.87
CA ALA A 253 2.24 6.18 -6.71
C ALA A 253 1.17 6.65 -5.74
N VAL A 254 1.16 6.08 -4.53
CA VAL A 254 0.08 6.33 -3.58
C VAL A 254 0.65 6.98 -2.32
N TRP A 255 0.46 8.29 -2.18
CA TRP A 255 1.00 9.02 -1.03
C TRP A 255 0.27 8.63 0.26
N PHE A 256 0.96 8.76 1.39
CA PHE A 256 0.35 8.55 2.71
C PHE A 256 0.21 9.93 3.36
N HIS A 257 -0.99 10.51 3.25
CA HIS A 257 -1.24 11.86 3.71
C HIS A 257 -1.86 11.86 5.10
N GLU A 258 -1.01 11.94 6.12
CA GLU A 258 -1.49 12.03 7.51
C GLU A 258 -0.40 12.66 8.38
N ASN A 259 -0.82 13.53 9.31
CA ASN A 259 0.07 14.02 10.34
C ASN A 259 0.08 13.02 11.48
N LYS A 260 1.07 12.12 11.43
CA LYS A 260 1.11 10.95 12.29
C LYS A 260 2.46 10.86 13.01
N GLU A 261 3.32 9.92 12.61
CA GLU A 261 4.63 9.75 13.27
C GLU A 261 5.46 11.02 13.08
N THR A 262 5.29 11.63 11.90
CA THR A 262 5.73 12.99 11.60
C THR A 262 4.72 13.55 10.58
N ASP A 263 4.92 14.79 10.14
CA ASP A 263 3.95 15.39 9.24
C ASP A 263 4.22 14.95 7.80
N TRP A 264 3.62 13.82 7.43
CA TRP A 264 3.75 13.24 6.11
C TRP A 264 2.95 14.02 5.06
N ARG A 265 2.04 14.87 5.52
CA ARG A 265 1.06 15.49 4.63
C ARG A 265 1.68 16.24 3.46
N ILE A 266 0.99 16.23 2.33
CA ILE A 266 1.46 17.00 1.17
C ILE A 266 1.45 18.50 1.47
N ASN A 267 0.65 18.91 2.45
CA ASN A 267 0.59 20.32 2.86
C ASN A 267 1.20 20.55 4.24
N SER A 268 2.23 19.77 4.57
CA SER A 268 3.00 20.03 5.79
C SER A 268 3.66 21.40 5.77
N SER A 269 3.91 21.92 4.56
CA SER A 269 4.34 23.30 4.37
C SER A 269 3.76 23.79 3.04
N PRO A 270 3.65 25.11 2.86
CA PRO A 270 3.19 25.58 1.55
C PRO A 270 4.10 25.19 0.39
N GLU A 271 5.41 25.14 0.64
CA GLU A 271 6.35 24.78 -0.43
C GLU A 271 6.25 23.31 -0.82
N ALA A 272 6.04 22.44 0.17
CA ALA A 272 5.82 21.02 -0.12
C ALA A 272 4.56 20.86 -0.96
N LEU A 273 3.51 21.60 -0.61
CA LEU A 273 2.27 21.50 -1.36
C LEU A 273 2.44 21.94 -2.80
N ALA A 274 3.12 23.07 -2.99
CA ALA A 274 3.38 23.59 -4.33
C ALA A 274 4.16 22.58 -5.16
N ALA A 275 5.16 21.95 -4.54
CA ALA A 275 5.98 20.96 -5.22
C ALA A 275 5.14 19.74 -5.59
N TYR A 276 4.27 19.33 -4.67
CA TYR A 276 3.44 18.16 -4.90
C TYR A 276 2.49 18.38 -6.08
N ARG A 277 1.80 19.53 -6.06
CA ARG A 277 0.89 19.91 -7.12
C ARG A 277 1.55 19.89 -8.50
N GLU A 278 2.79 20.34 -8.56
CA GLU A 278 3.51 20.39 -9.85
C GLU A 278 4.00 18.99 -10.24
N ALA A 279 4.44 18.23 -9.25
CA ALA A 279 5.08 16.93 -9.48
C ALA A 279 4.14 15.89 -10.06
N ILE A 280 2.90 15.86 -9.56
CA ILE A 280 1.97 14.80 -9.96
C ILE A 280 1.51 14.91 -11.41
N GLY A 281 1.53 16.12 -11.93
CA GLY A 281 1.30 16.36 -13.36
C GLY A 281 -0.16 16.47 -13.73
N ALA A 282 -0.40 16.71 -15.02
CA ALA A 282 -1.75 16.78 -15.59
C ALA A 282 -2.43 15.43 -15.43
N LEU A 283 -1.75 14.41 -15.96
CA LEU A 283 -2.03 13.02 -15.66
C LEU A 283 -0.80 12.45 -14.97
#